data_8D8R
#
_entry.id   8D8R
#
loop_
_entity.id
_entity.type
_entity.pdbx_description
1 polymer '2196 light chain'
2 polymer '2196 heavy chain'
3 polymer 'Spike glycoprotein'
4 non-polymer 2-acetamido-2-deoxy-beta-D-glucopyranose
#
loop_
_entity_poly.entity_id
_entity_poly.type
_entity_poly.pdbx_seq_one_letter_code
_entity_poly.pdbx_strand_id
1 'polypeptide(L)'
;EIVLTQSPGTLSLSPGERATLSCRASQSVSSSYLAWYQQKPGQAPRLLIYGASSRATGIPDRFSGSGSGTDFTLTISRLE
PEDFAVYYCQHYGSSRGWTFGQGTKVEIKRTVAAPSVFIFPPSDEQLKSGTASVVCLLNNFYPREAKVQWKVDNALQSGN
SQESVTEQDSKDSTYSLSSTLTLSKADYEKHKVYACEVTHQGLSSPVTKSFNRGEC
;
L
2 'polypeptide(L)'
;QMQLVQSGPEVKKPGTSVKVSCKASGFTFMSSAVQWVRQARGQRLEWIGWIVIGSGNTNYAQKFQERVTITRDMSTSTAY
MELSSLRSEDTAVYYCAAPYCSSISCNDGFDIWGQGTMVTVSSASTKGPSVFPLAPSSKSTSGGTAALGCLVKDYFPEPV
TVSWNSGALTSGVHTFPAVLQSSGLYSLSSVVTVPSSSLGTQTYICNVNHKPSNTKVDKRVEPKSC
;
H
3 'polypeptide(L)'
;VNLTTRTQLPPAYTNSFTRGVYYPDKVFRSSVLHSTQDLFLPFFSNVTWFHAIHVSGTNGTKRFDNPVLPFNDGVYFAST
EKSNIIRGWIFGTTLDSKTQSLLIVNNATNVVIKVCEFQFCNDPFLGVYYHKNNKSWMESEFRVYSSANNCTFEYVSQPF
LMDLEGKQGNFKNLREFVFKNIDGYFKIYSKHTPINLVRDLPQGFSALEPLVDLPIGINITRFQTLLALHRSYLTPGDSS
SGWTAGAAAYYVGYLQPRTFLLKYNENGTITDAVDCALDPLSETKCTLKSFTVEKGIYQTSNFRVQPTESIVRFPNITNL
CPFGEVFNATRFASVYAWNRKRISNCVADYSVLYNSASFSTFKCYGVSPTKLNDLCFTNVYADSFVIRGDEVRQIAPGQT
GKIADYNYKLPDDFTGCVIAWNSNNLDSKVGGNYNYLYRLFRKSNLKPFERDISTEIYQAGSTPCNGVEGFNCYFPLQSY
GFQPTNGVGYQPYRVVVLSFELLHAPATVCGPKKSTNLVKNKCVNFNFNGLTGTGVLTESNKKFLPFQQFGRDIADTTDA
VRDPQTLEILDITPCSFGGVSVITPGTNTSNQVAVLYQDVNCTEVPVAIHADQLTPTWRVYSTGSNVFQTRAGCLIGAEH
VNNSYECDIPIGAGICASYQTQTNSPRRARSVASQSIIAYTMSLGAENSVAYSNNSIAIPTNFTISVTTEILPVSMTKTS
VDCTMYICGDSTECSNLLLQYGSFCTQLNRALTGIAVEQDKNTQEVFAQVKQIYKTPPIKDFGGFNFSQILPDPSKPSKR
SFIEDLLFNKVTLADAGFIKQYGDCLGDIAARDLICAQKFNGLTVLPPLLTDEMIAQYTSALLAGTITSGWTFGAGAALQ
IPFAMQMAYRFNGIGVTQNVLYENQKLIANQFNSAIGKIQDSLSSTASALGKLQDVVNQNAQALNTLVKQLSSNFGAISS
VLNDILSRLDKVEAEVQIDRLITGRLQSLQTYVTQQLIRAAEIRASANLAATKMSECVLGQSKRVDFCGKGYHLMSFPQS
APHGVVFLHVTYVPAQEKNFTTAPAICHDGKAHFPREGVFVSNGTHWFVTQRNFYEPQIITTDNTFVSGNCDVVIGIVNN
TVYDPLQPELDSFKEELDKYFKNHTSPDVDLGDISGINASGYIPEAPRDGQAYVRKDGEWVLLSTFL
;
A
#
# COMPACT_ATOMS: atom_id res chain seq x y z
N GLU A 1 -10.16 -16.40 -14.77
CA GLU A 1 -10.88 -15.31 -14.13
C GLU A 1 -12.31 -15.72 -13.79
N ILE A 2 -12.85 -15.11 -12.75
CA ILE A 2 -14.23 -15.36 -12.36
C ILE A 2 -15.17 -14.54 -13.23
N VAL A 3 -16.13 -15.19 -13.88
CA VAL A 3 -17.06 -14.46 -14.72
C VAL A 3 -18.44 -14.49 -14.09
N LEU A 4 -19.05 -13.32 -13.94
CA LEU A 4 -20.34 -13.22 -13.30
C LEU A 4 -21.45 -13.00 -14.33
N THR A 5 -22.60 -13.62 -14.08
CA THR A 5 -23.79 -13.43 -14.92
C THR A 5 -24.95 -12.94 -14.07
N GLN A 6 -25.71 -11.99 -14.57
CA GLN A 6 -26.80 -11.43 -13.78
C GLN A 6 -28.13 -11.50 -14.50
N SER A 7 -29.21 -11.54 -13.72
CA SER A 7 -30.55 -11.60 -14.29
C SER A 7 -31.59 -11.03 -13.32
N PRO A 8 -32.74 -10.63 -13.86
CA PRO A 8 -33.06 -10.28 -15.24
C PRO A 8 -32.25 -9.09 -15.70
N GLY A 9 -31.90 -9.02 -16.99
CA GLY A 9 -31.14 -7.89 -17.48
C GLY A 9 -31.91 -6.58 -17.30
N THR A 10 -33.24 -6.68 -17.44
CA THR A 10 -34.11 -5.53 -17.20
C THR A 10 -35.29 -5.97 -16.36
N LEU A 11 -35.63 -5.16 -15.35
CA LEU A 11 -36.77 -5.43 -14.50
C LEU A 11 -37.77 -4.28 -14.57
N SER A 12 -39.06 -4.60 -14.47
CA SER A 12 -40.07 -3.55 -14.39
C SER A 12 -40.93 -3.73 -13.14
N LEU A 13 -40.79 -2.80 -12.20
CA LEU A 13 -41.53 -2.86 -10.94
C LEU A 13 -42.25 -1.57 -10.61
N SER A 14 -43.36 -1.68 -9.90
CA SER A 14 -44.05 -0.50 -9.41
C SER A 14 -43.29 0.05 -8.20
N PRO A 15 -43.34 1.37 -7.94
CA PRO A 15 -42.86 1.97 -6.70
C PRO A 15 -43.55 1.33 -5.51
N GLY A 16 -42.77 1.08 -4.46
CA GLY A 16 -43.26 0.47 -3.24
C GLY A 16 -43.25 -1.06 -3.31
N GLU A 17 -42.96 -1.60 -4.49
CA GLU A 17 -42.91 -3.04 -4.69
C GLU A 17 -41.57 -3.60 -4.21
N ARG A 18 -41.58 -4.80 -3.63
CA ARG A 18 -40.35 -5.48 -3.24
C ARG A 18 -39.57 -5.93 -4.47
N ALA A 19 -38.24 -5.84 -4.42
CA ALA A 19 -37.44 -6.21 -5.59
C ALA A 19 -36.26 -7.10 -5.23
N THR A 20 -35.92 -8.01 -6.14
CA THR A 20 -34.75 -8.85 -6.00
C THR A 20 -33.94 -8.88 -7.30
N LEU A 21 -32.61 -8.77 -7.16
CA LEU A 21 -31.70 -8.93 -8.27
C LEU A 21 -30.85 -10.18 -8.03
N SER A 22 -30.49 -10.89 -9.10
CA SER A 22 -29.71 -12.11 -8.92
C SER A 22 -28.40 -12.10 -9.69
N CYS A 23 -27.41 -12.79 -9.13
CA CYS A 23 -26.11 -12.98 -9.76
C CYS A 23 -25.60 -14.39 -9.56
N ARG A 24 -25.05 -14.98 -10.62
CA ARG A 24 -24.46 -16.31 -10.50
C ARG A 24 -23.06 -16.37 -11.11
N ALA A 25 -22.14 -17.00 -10.38
CA ALA A 25 -20.78 -17.19 -10.87
C ALA A 25 -20.73 -18.27 -11.94
N SER A 26 -19.81 -18.09 -12.90
CA SER A 26 -19.53 -19.09 -13.94
C SER A 26 -18.85 -20.33 -13.37
N GLN A 27 -18.26 -20.19 -12.18
CA GLN A 27 -17.48 -21.23 -11.54
C GLN A 27 -17.53 -21.07 -10.02
N SER A 28 -16.98 -22.04 -9.31
CA SER A 28 -17.07 -22.05 -7.84
C SER A 28 -16.27 -20.91 -7.21
N VAL A 29 -16.85 -19.73 -7.24
CA VAL A 29 -16.25 -18.52 -6.71
C VAL A 29 -16.00 -18.63 -5.21
N SER A 30 -14.81 -18.22 -4.78
CA SER A 30 -14.41 -18.32 -3.38
C SER A 30 -15.13 -17.34 -2.47
N SER A 31 -15.44 -17.79 -1.26
CA SER A 31 -15.98 -16.96 -0.18
C SER A 31 -17.10 -16.05 -0.66
N SER A 32 -17.21 -14.87 -0.03
CA SER A 32 -18.21 -13.89 -0.43
C SER A 32 -17.63 -12.48 -0.46
N TYR A 33 -17.35 -12.01 -1.66
CA TYR A 33 -16.86 -10.66 -1.88
C TYR A 33 -17.73 -9.90 -2.86
N LEU A 34 -18.96 -10.37 -3.04
CA LEU A 34 -19.85 -9.81 -4.05
C LEU A 34 -20.51 -8.52 -3.58
N ALA A 35 -19.72 -7.46 -3.55
CA ALA A 35 -20.22 -6.15 -3.16
C ALA A 35 -21.19 -5.65 -4.22
N TRP A 36 -22.19 -4.87 -3.80
CA TRP A 36 -23.18 -4.35 -4.75
C TRP A 36 -23.13 -2.83 -4.84
N TYR A 37 -23.34 -2.33 -6.06
CA TYR A 37 -23.29 -0.90 -6.33
C TYR A 37 -24.54 -0.41 -7.07
N GLN A 38 -24.87 0.86 -6.86
CA GLN A 38 -25.97 1.52 -7.56
C GLN A 38 -25.44 2.63 -8.46
N GLN A 39 -25.96 2.75 -9.68
CA GLN A 39 -25.55 3.83 -10.58
C GLN A 39 -26.72 4.54 -11.25
N LYS A 40 -26.60 5.86 -11.37
CA LYS A 40 -27.53 6.65 -12.15
C LYS A 40 -26.76 7.28 -13.30
N PRO A 41 -27.38 7.54 -14.45
CA PRO A 41 -26.76 8.17 -15.60
C PRO A 41 -26.13 9.50 -15.21
N GLY A 42 -24.93 9.73 -15.70
CA GLY A 42 -24.21 10.97 -15.43
C GLY A 42 -23.50 10.96 -14.07
N GLN A 43 -23.59 9.84 -13.35
CA GLN A 43 -23.00 9.75 -12.02
C GLN A 43 -22.15 8.51 -11.84
N ALA A 44 -21.18 8.61 -10.93
CA ALA A 44 -20.37 7.45 -10.56
C ALA A 44 -21.24 6.43 -9.81
N PRO A 45 -20.95 5.13 -9.91
CA PRO A 45 -21.50 4.07 -9.10
C PRO A 45 -21.24 4.31 -7.62
N ARG A 46 -22.18 3.89 -6.78
CA ARG A 46 -22.08 4.08 -5.33
C ARG A 46 -22.24 2.76 -4.60
N LEU A 47 -21.43 2.55 -3.56
CA LEU A 47 -21.49 1.31 -2.80
C LEU A 47 -22.73 1.21 -1.94
N LEU A 48 -23.45 0.08 -2.07
CA LEU A 48 -24.58 -0.21 -1.20
C LEU A 48 -24.23 -1.28 -0.17
N ILE A 49 -23.80 -2.42 -0.66
CA ILE A 49 -23.52 -3.59 0.17
C ILE A 49 -22.10 -4.07 -0.02
N TYR A 50 -21.40 -4.38 1.07
CA TYR A 50 -20.09 -5.01 0.93
C TYR A 50 -20.11 -6.35 1.63
N GLY A 51 -19.36 -7.32 1.10
CA GLY A 51 -19.34 -8.66 1.68
C GLY A 51 -20.61 -9.43 1.30
N ALA A 52 -21.41 -8.82 0.43
CA ALA A 52 -22.74 -9.31 0.01
C ALA A 52 -23.64 -9.57 1.21
N SER A 53 -23.31 -8.97 2.35
CA SER A 53 -24.05 -9.24 3.56
C SER A 53 -24.13 -8.08 4.54
N SER A 54 -23.45 -6.97 4.26
CA SER A 54 -23.45 -5.85 5.19
C SER A 54 -23.60 -4.51 4.50
N ARG A 55 -24.44 -3.66 5.09
CA ARG A 55 -24.71 -2.34 4.54
C ARG A 55 -23.54 -1.40 4.71
N ALA A 56 -23.27 -0.61 3.67
CA ALA A 56 -22.29 0.47 3.75
C ALA A 56 -22.82 1.57 4.67
N THR A 57 -21.91 2.33 5.26
CA THR A 57 -22.34 3.40 6.15
C THR A 57 -23.25 4.39 5.44
N GLY A 58 -24.37 4.72 6.08
CA GLY A 58 -25.33 5.67 5.54
C GLY A 58 -26.41 5.03 4.66
N ILE A 59 -26.31 3.73 4.44
CA ILE A 59 -27.30 3.02 3.63
C ILE A 59 -28.58 2.72 4.43
N PRO A 60 -29.77 3.03 3.89
CA PRO A 60 -31.09 2.75 4.44
C PRO A 60 -31.32 1.27 4.69
N ASP A 61 -32.14 0.99 5.70
CA ASP A 61 -32.41 -0.37 6.17
C ASP A 61 -33.05 -1.27 5.12
N ARG A 62 -33.73 -0.68 4.14
CA ARG A 62 -34.40 -1.47 3.12
C ARG A 62 -33.47 -2.31 2.26
N PHE A 63 -32.19 -1.92 2.19
CA PHE A 63 -31.22 -2.66 1.37
C PHE A 63 -30.57 -3.80 2.14
N SER A 64 -30.47 -4.97 1.52
CA SER A 64 -29.71 -6.06 2.12
C SER A 64 -29.22 -7.07 1.08
N GLY A 65 -28.01 -7.58 1.28
CA GLY A 65 -27.47 -8.64 0.43
C GLY A 65 -27.84 -10.01 0.97
N SER A 66 -27.66 -11.03 0.15
CA SER A 66 -27.88 -12.42 0.57
C SER A 66 -27.20 -13.42 -0.35
N GLY A 67 -27.34 -14.70 -0.02
CA GLY A 67 -26.84 -15.81 -0.83
C GLY A 67 -25.43 -16.25 -0.45
N SER A 68 -24.97 -17.30 -1.11
CA SER A 68 -23.69 -17.94 -0.82
C SER A 68 -23.22 -18.79 -2.01
N GLY A 69 -21.96 -19.22 -1.96
CA GLY A 69 -21.42 -20.08 -3.02
C GLY A 69 -21.47 -19.36 -4.35
N THR A 70 -22.01 -20.00 -5.38
CA THR A 70 -22.08 -19.38 -6.68
C THR A 70 -23.26 -18.43 -6.83
N ASP A 71 -24.23 -18.53 -5.91
CA ASP A 71 -25.48 -17.79 -6.04
C ASP A 71 -25.63 -16.64 -5.05
N PHE A 72 -25.53 -15.40 -5.55
CA PHE A 72 -25.69 -14.22 -4.71
C PHE A 72 -26.84 -13.34 -5.19
N THR A 73 -27.53 -12.70 -4.25
CA THR A 73 -28.63 -11.82 -4.61
C THR A 73 -28.57 -10.50 -3.85
N LEU A 74 -29.31 -9.52 -4.37
CA LEU A 74 -29.53 -8.25 -3.67
C LEU A 74 -31.01 -8.00 -3.54
N THR A 75 -31.45 -7.62 -2.34
CA THR A 75 -32.87 -7.35 -2.16
C THR A 75 -33.12 -5.96 -1.62
N ILE A 76 -34.28 -5.43 -2.01
CA ILE A 76 -34.79 -4.18 -1.46
C ILE A 76 -36.18 -4.44 -0.92
N SER A 77 -36.40 -4.15 0.37
CA SER A 77 -37.68 -4.51 0.97
C SER A 77 -38.87 -3.84 0.27
N ARG A 78 -38.71 -2.57 -0.10
CA ARG A 78 -39.68 -1.86 -0.94
C ARG A 78 -38.95 -0.84 -1.79
N LEU A 79 -39.33 -0.71 -3.06
CA LEU A 79 -38.67 0.29 -3.89
C LEU A 79 -39.16 1.72 -3.65
N GLU A 80 -38.21 2.63 -3.49
CA GLU A 80 -38.50 4.05 -3.54
C GLU A 80 -38.31 4.51 -4.97
N PRO A 81 -38.94 5.62 -5.41
CA PRO A 81 -38.69 6.26 -6.69
C PRO A 81 -37.19 6.52 -6.90
N GLU A 82 -36.48 6.76 -5.80
CA GLU A 82 -35.05 7.00 -5.83
C GLU A 82 -34.25 5.74 -6.16
N ASP A 83 -34.85 4.57 -5.96
CA ASP A 83 -34.15 3.30 -6.08
C ASP A 83 -34.12 2.76 -7.50
N PHE A 84 -34.78 3.44 -8.43
CA PHE A 84 -34.75 2.96 -9.79
C PHE A 84 -33.43 3.38 -10.41
N ALA A 85 -32.62 2.38 -10.74
CA ALA A 85 -31.22 2.61 -11.10
C ALA A 85 -30.63 1.38 -11.79
N VAL A 86 -29.42 1.56 -12.32
CA VAL A 86 -28.64 0.45 -12.83
C VAL A 86 -27.79 -0.12 -11.69
N TYR A 87 -27.81 -1.44 -11.52
CA TYR A 87 -27.08 -2.06 -10.43
C TYR A 87 -25.96 -2.96 -10.92
N TYR A 88 -24.86 -3.00 -10.16
CA TYR A 88 -23.69 -3.82 -10.47
C TYR A 88 -23.21 -4.60 -9.27
N CYS A 89 -22.44 -5.64 -9.54
CA CYS A 89 -21.79 -6.39 -8.48
C CYS A 89 -20.34 -6.67 -8.83
N GLN A 90 -19.49 -6.80 -7.83
CA GLN A 90 -18.07 -7.02 -8.07
C GLN A 90 -17.46 -8.02 -7.12
N HIS A 91 -16.60 -8.89 -7.66
CA HIS A 91 -15.92 -9.90 -6.84
C HIS A 91 -14.45 -9.61 -6.59
N TYR A 92 -14.14 -9.16 -5.37
CA TYR A 92 -12.76 -8.78 -5.04
C TYR A 92 -11.79 -9.96 -5.09
N GLY A 93 -12.26 -11.10 -4.61
CA GLY A 93 -11.51 -12.34 -4.64
C GLY A 93 -10.16 -12.28 -3.95
N SER A 94 -9.20 -12.99 -4.53
CA SER A 94 -7.83 -13.11 -4.08
C SER A 94 -6.90 -12.30 -4.97
N SER A 95 -7.49 -11.31 -5.63
CA SER A 95 -6.89 -10.49 -6.68
C SER A 95 -6.86 -11.24 -8.00
N ARG A 96 -6.32 -10.60 -9.03
CA ARG A 96 -6.44 -11.08 -10.40
C ARG A 96 -7.93 -11.31 -10.73
N GLY A 97 -8.78 -10.46 -10.14
CA GLY A 97 -10.22 -10.58 -10.21
C GLY A 97 -10.85 -9.21 -10.40
N TRP A 98 -11.78 -8.87 -9.50
CA TRP A 98 -12.51 -7.61 -9.54
C TRP A 98 -13.32 -7.45 -10.81
N THR A 99 -13.73 -8.55 -11.38
CA THR A 99 -14.59 -8.50 -12.55
C THR A 99 -15.96 -8.02 -12.13
N PHE A 100 -16.61 -7.28 -13.01
CA PHE A 100 -17.95 -6.82 -12.77
C PHE A 100 -18.93 -7.69 -13.54
N GLY A 101 -20.12 -7.86 -13.00
CA GLY A 101 -21.14 -8.57 -13.74
C GLY A 101 -21.74 -7.63 -14.78
N GLN A 102 -22.61 -8.17 -15.64
CA GLN A 102 -23.22 -7.37 -16.69
C GLN A 102 -24.14 -6.27 -16.15
N GLY A 103 -24.59 -6.44 -14.92
CA GLY A 103 -25.45 -5.49 -14.25
C GLY A 103 -26.90 -5.68 -14.64
N THR A 104 -27.79 -4.99 -13.92
CA THR A 104 -29.21 -5.04 -14.23
C THR A 104 -29.78 -3.62 -14.23
N LYS A 105 -30.89 -3.43 -14.90
CA LYS A 105 -31.58 -2.15 -14.87
C LYS A 105 -32.99 -2.29 -14.34
N VAL A 106 -33.39 -1.40 -13.43
CA VAL A 106 -34.73 -1.44 -12.88
C VAL A 106 -35.54 -0.24 -13.36
N GLU A 107 -36.66 -0.53 -14.03
CA GLU A 107 -37.53 0.49 -14.61
C GLU A 107 -38.85 0.62 -13.85
N ILE A 108 -39.44 1.82 -13.93
CA ILE A 108 -40.72 2.09 -13.27
C ILE A 108 -41.91 1.55 -14.04
N LYS A 109 -42.76 0.79 -13.35
CA LYS A 109 -43.98 0.25 -13.94
C LYS A 109 -45.21 0.89 -13.28
N GLN B 1 -15.20 15.79 4.98
CA GLN B 1 -15.79 15.11 3.82
C GLN B 1 -14.73 14.57 2.88
N MET B 2 -14.74 13.26 2.68
CA MET B 2 -13.82 12.62 1.75
C MET B 2 -14.17 12.96 0.31
N GLN B 3 -13.15 13.26 -0.49
CA GLN B 3 -13.36 13.48 -1.91
C GLN B 3 -12.27 12.84 -2.78
N LEU B 4 -12.67 12.43 -3.97
CA LEU B 4 -11.73 12.10 -5.03
C LEU B 4 -11.97 13.07 -6.19
N VAL B 5 -10.92 13.72 -6.64
CA VAL B 5 -11.06 14.70 -7.72
C VAL B 5 -10.26 14.29 -8.94
N GLN B 6 -10.94 14.17 -10.07
CA GLN B 6 -10.28 13.72 -11.30
C GLN B 6 -10.07 14.86 -12.29
N SER B 7 -9.07 14.68 -13.15
CA SER B 7 -8.81 15.62 -14.23
C SER B 7 -9.97 15.65 -15.23
N GLY B 8 -10.13 16.77 -15.91
CA GLY B 8 -11.26 16.95 -16.80
C GLY B 8 -11.08 16.24 -18.13
N PRO B 9 -12.06 16.35 -19.04
CA PRO B 9 -12.16 15.68 -20.32
C PRO B 9 -10.98 15.97 -21.22
N GLU B 10 -10.57 14.97 -21.99
CA GLU B 10 -9.45 15.11 -22.91
C GLU B 10 -9.70 14.34 -24.22
N VAL B 11 -9.22 14.90 -25.33
CA VAL B 11 -9.37 14.25 -26.62
C VAL B 11 -8.01 13.93 -27.24
N LYS B 12 -7.84 12.68 -27.67
CA LYS B 12 -6.58 12.22 -28.25
C LYS B 12 -6.74 11.55 -29.60
N LYS B 13 -5.67 11.58 -30.40
CA LYS B 13 -5.63 10.86 -31.66
C LYS B 13 -5.36 9.37 -31.39
N PRO B 14 -5.84 8.46 -32.24
CA PRO B 14 -5.54 7.05 -32.21
C PRO B 14 -4.03 6.84 -32.31
N GLY B 15 -3.54 5.84 -31.60
CA GLY B 15 -2.11 5.52 -31.62
C GLY B 15 -1.30 6.35 -30.64
N THR B 16 -1.96 7.25 -29.91
CA THR B 16 -1.26 8.10 -28.95
C THR B 16 -1.70 7.75 -27.53
N SER B 17 -1.04 8.34 -26.53
CA SER B 17 -1.36 8.07 -25.14
C SER B 17 -2.23 9.15 -24.49
N VAL B 18 -2.89 8.77 -23.40
CA VAL B 18 -3.66 9.70 -22.56
C VAL B 18 -3.30 9.50 -21.09
N LYS B 19 -3.26 10.59 -20.32
CA LYS B 19 -2.98 10.49 -18.89
C LYS B 19 -4.13 11.06 -18.07
N VAL B 20 -4.56 10.30 -17.05
CA VAL B 20 -5.68 10.67 -16.19
C VAL B 20 -5.24 10.70 -14.72
N SER B 21 -5.59 11.77 -14.01
CA SER B 21 -5.20 11.88 -12.60
C SER B 21 -6.40 11.80 -11.66
N CYS B 22 -6.15 11.35 -10.43
CA CYS B 22 -7.18 11.30 -9.39
C CYS B 22 -6.61 11.65 -8.01
N LYS B 23 -6.99 12.82 -7.49
CA LYS B 23 -6.42 13.31 -6.23
C LYS B 23 -7.32 13.06 -5.02
N ALA B 24 -6.75 12.48 -3.97
CA ALA B 24 -7.45 12.25 -2.71
C ALA B 24 -7.47 13.51 -1.85
N SER B 25 -8.53 13.67 -1.07
CA SER B 25 -8.56 14.72 -0.04
C SER B 25 -9.38 14.29 1.17
N GLY B 26 -8.89 14.64 2.37
CA GLY B 26 -9.58 14.34 3.63
C GLY B 26 -9.28 12.93 4.14
N PHE B 27 -8.39 12.22 3.46
CA PHE B 27 -8.04 10.84 3.79
C PHE B 27 -6.57 10.55 3.63
N THR B 28 -6.01 9.76 4.53
CA THR B 28 -4.62 9.37 4.38
C THR B 28 -4.46 8.47 3.17
N PHE B 29 -3.65 8.91 2.22
CA PHE B 29 -3.52 8.20 0.96
C PHE B 29 -2.89 6.83 1.15
N MET B 30 -1.96 6.74 2.10
CA MET B 30 -1.23 5.51 2.38
C MET B 30 -2.11 4.40 2.94
N SER B 31 -3.27 4.77 3.47
CA SER B 31 -4.14 3.80 4.12
C SER B 31 -4.86 2.84 3.16
N SER B 32 -4.89 3.15 1.86
CA SER B 32 -5.61 2.28 0.95
C SER B 32 -5.13 2.27 -0.48
N ALA B 33 -5.34 1.12 -1.13
CA ALA B 33 -5.16 0.93 -2.56
C ALA B 33 -6.18 1.74 -3.34
N VAL B 34 -5.84 2.09 -4.57
CA VAL B 34 -6.72 2.79 -5.50
C VAL B 34 -6.93 1.97 -6.78
N GLN B 35 -8.18 1.86 -7.22
CA GLN B 35 -8.48 1.01 -8.38
C GLN B 35 -9.10 1.80 -9.53
N TRP B 36 -8.90 1.32 -10.76
CA TRP B 36 -9.45 1.98 -11.94
C TRP B 36 -10.38 1.10 -12.78
N VAL B 37 -11.45 1.71 -13.26
CA VAL B 37 -12.50 1.06 -14.06
C VAL B 37 -12.98 2.00 -15.15
N ARG B 38 -13.44 1.48 -16.29
CA ARG B 38 -13.98 2.36 -17.32
C ARG B 38 -15.37 1.94 -17.77
N GLN B 39 -16.14 2.93 -18.24
CA GLN B 39 -17.46 2.66 -18.77
C GLN B 39 -17.71 3.33 -20.11
N ALA B 40 -17.76 2.53 -21.16
CA ALA B 40 -18.13 3.03 -22.48
C ALA B 40 -19.61 3.37 -22.46
N ARG B 41 -20.03 4.31 -23.30
CA ARG B 41 -21.43 4.70 -23.25
C ARG B 41 -22.34 3.51 -23.55
N GLY B 42 -23.32 3.28 -22.69
CA GLY B 42 -24.30 2.21 -22.88
C GLY B 42 -23.77 0.83 -22.46
N GLN B 43 -22.54 0.78 -21.94
CA GLN B 43 -21.91 -0.49 -21.60
C GLN B 43 -21.73 -0.72 -20.11
N ARG B 44 -21.53 -2.00 -19.77
CA ARG B 44 -21.22 -2.45 -18.41
C ARG B 44 -19.84 -1.97 -17.98
N LEU B 45 -19.65 -1.89 -16.67
CA LEU B 45 -18.36 -1.49 -16.13
C LEU B 45 -17.28 -2.51 -16.48
N GLU B 46 -16.12 -2.04 -16.88
CA GLU B 46 -15.00 -2.92 -17.18
C GLU B 46 -13.76 -2.56 -16.37
N TRP B 47 -13.31 -3.50 -15.55
CA TRP B 47 -12.16 -3.27 -14.67
C TRP B 47 -10.85 -3.22 -15.45
N ILE B 48 -10.01 -2.24 -15.13
CA ILE B 48 -8.73 -2.08 -15.83
C ILE B 48 -7.56 -2.66 -15.05
N GLY B 49 -7.44 -2.25 -13.80
CA GLY B 49 -6.28 -2.61 -12.99
C GLY B 49 -6.27 -1.80 -11.72
N TRP B 50 -5.27 -2.02 -10.87
CA TRP B 50 -5.22 -1.27 -9.63
C TRP B 50 -3.80 -1.10 -9.11
N ILE B 51 -3.64 -0.18 -8.17
CA ILE B 51 -2.36 0.01 -7.52
C ILE B 51 -2.48 0.02 -6.01
N VAL B 52 -1.59 -0.73 -5.35
CA VAL B 52 -1.56 -0.66 -3.90
C VAL B 52 -0.66 0.49 -3.47
N ILE B 53 -1.23 1.42 -2.72
CA ILE B 53 -0.49 2.62 -2.39
C ILE B 53 0.58 2.36 -1.37
N GLY B 54 1.79 2.77 -1.72
CA GLY B 54 2.97 2.59 -0.90
C GLY B 54 3.68 1.27 -1.19
N SER B 55 3.03 0.38 -1.94
CA SER B 55 3.66 -0.89 -2.29
C SER B 55 4.19 -0.87 -3.71
N GLY B 56 3.54 -0.13 -4.59
CA GLY B 56 3.98 -0.08 -5.98
C GLY B 56 3.49 -1.29 -6.77
N ASN B 57 2.62 -2.10 -6.18
CA ASN B 57 2.11 -3.28 -6.86
C ASN B 57 1.04 -2.88 -7.86
N THR B 58 1.35 -3.05 -9.13
CA THR B 58 0.55 -2.53 -10.23
C THR B 58 -0.05 -3.60 -11.15
N ASN B 59 -0.31 -4.80 -10.65
CA ASN B 59 -0.82 -5.81 -11.56
C ASN B 59 -2.12 -5.36 -12.25
N TYR B 60 -2.25 -5.73 -13.53
CA TYR B 60 -3.33 -5.27 -14.39
C TYR B 60 -4.20 -6.42 -14.88
N ALA B 61 -5.42 -6.09 -15.31
CA ALA B 61 -6.29 -7.08 -15.95
C ALA B 61 -5.63 -7.57 -17.22
N GLN B 62 -5.84 -8.84 -17.55
CA GLN B 62 -5.15 -9.42 -18.70
C GLN B 62 -5.52 -8.72 -20.00
N LYS B 63 -6.75 -8.22 -20.10
CA LYS B 63 -7.20 -7.54 -21.30
C LYS B 63 -6.41 -6.27 -21.58
N PHE B 64 -5.92 -5.63 -20.52
CA PHE B 64 -5.19 -4.38 -20.63
C PHE B 64 -3.70 -4.55 -20.40
N GLN B 65 -3.23 -5.80 -20.35
CA GLN B 65 -1.85 -6.05 -20.00
C GLN B 65 -0.93 -5.40 -21.04
N GLU B 66 0.02 -4.61 -20.53
CA GLU B 66 0.96 -3.80 -21.33
C GLU B 66 0.25 -2.78 -22.23
N ARG B 67 -0.96 -2.38 -21.87
CA ARG B 67 -1.64 -1.31 -22.57
C ARG B 67 -1.97 -0.16 -21.63
N VAL B 68 -1.79 -0.42 -20.33
CA VAL B 68 -2.08 0.57 -19.31
C VAL B 68 -0.97 0.60 -18.27
N THR B 69 -0.65 1.78 -17.76
CA THR B 69 0.28 1.91 -16.65
C THR B 69 -0.34 2.71 -15.51
N ILE B 70 -0.21 2.22 -14.28
CA ILE B 70 -0.74 2.94 -13.12
C ILE B 70 0.36 3.28 -12.13
N THR B 71 0.45 4.56 -11.77
CA THR B 71 1.46 5.07 -10.85
C THR B 71 0.83 5.97 -9.79
N ARG B 72 1.60 6.37 -8.79
CA ARG B 72 1.11 7.34 -7.82
C ARG B 72 2.20 8.29 -7.37
N ASP B 73 1.81 9.52 -7.05
CA ASP B 73 2.72 10.48 -6.45
C ASP B 73 2.35 10.71 -4.99
N MET B 74 3.15 10.16 -4.10
CA MET B 74 2.85 10.19 -2.68
C MET B 74 2.80 11.60 -2.12
N SER B 75 3.58 12.52 -2.70
CA SER B 75 3.69 13.87 -2.16
C SER B 75 2.44 14.72 -2.47
N THR B 76 1.65 14.27 -3.44
CA THR B 76 0.45 15.01 -3.83
C THR B 76 -0.79 14.18 -3.57
N SER B 77 -0.62 13.01 -2.95
CA SER B 77 -1.71 12.09 -2.67
C SER B 77 -2.57 11.84 -3.89
N THR B 78 -1.91 11.67 -5.04
CA THR B 78 -2.63 11.55 -6.30
C THR B 78 -2.29 10.29 -7.09
N ALA B 79 -3.33 9.55 -7.49
CA ALA B 79 -3.16 8.41 -8.36
C ALA B 79 -3.08 8.87 -9.82
N TYR B 80 -2.31 8.16 -10.63
CA TYR B 80 -2.27 8.45 -12.06
C TYR B 80 -2.44 7.19 -12.90
N MET B 81 -3.12 7.33 -14.02
CA MET B 81 -3.24 6.24 -14.98
C MET B 81 -2.92 6.70 -16.39
N GLU B 82 -2.20 5.86 -17.12
CA GLU B 82 -1.89 6.16 -18.51
C GLU B 82 -2.29 5.01 -19.42
N LEU B 83 -2.87 5.34 -20.57
CA LEU B 83 -3.16 4.31 -21.58
C LEU B 83 -2.38 4.59 -22.84
N SER B 84 -1.93 3.51 -23.49
CA SER B 84 -1.12 3.61 -24.70
C SER B 84 -1.81 2.94 -25.88
N SER B 85 -1.40 3.32 -27.09
CA SER B 85 -1.93 2.73 -28.31
C SER B 85 -3.44 2.82 -28.36
N LEU B 86 -3.96 4.03 -28.13
CA LEU B 86 -5.40 4.24 -28.06
C LEU B 86 -6.12 3.96 -29.35
N ARG B 87 -7.32 3.42 -29.23
CA ARG B 87 -8.20 3.11 -30.34
C ARG B 87 -9.54 3.85 -30.15
N SER B 88 -10.29 4.04 -31.23
CA SER B 88 -11.59 4.71 -31.10
C SER B 88 -12.52 3.90 -30.20
N GLU B 89 -12.22 2.61 -30.08
CA GLU B 89 -12.93 1.66 -29.24
C GLU B 89 -12.76 1.98 -27.75
N ASP B 90 -11.72 2.75 -27.42
CA ASP B 90 -11.40 3.07 -26.04
C ASP B 90 -12.13 4.30 -25.53
N THR B 91 -12.96 4.91 -26.37
CA THR B 91 -13.73 6.05 -25.91
C THR B 91 -14.63 5.63 -24.76
N ALA B 92 -14.47 6.28 -23.61
CA ALA B 92 -15.18 5.89 -22.40
C ALA B 92 -15.01 6.91 -21.29
N VAL B 93 -15.83 6.79 -20.24
CA VAL B 93 -15.59 7.51 -19.00
C VAL B 93 -14.75 6.66 -18.06
N TYR B 94 -13.64 7.20 -17.58
CA TYR B 94 -12.75 6.46 -16.70
C TYR B 94 -12.89 6.94 -15.25
N TYR B 95 -12.95 6.00 -14.31
CA TYR B 95 -13.13 6.33 -12.90
C TYR B 95 -12.03 5.79 -12.01
N CYS B 96 -11.73 6.54 -10.96
CA CYS B 96 -10.92 6.04 -9.85
C CYS B 96 -11.85 5.79 -8.66
N ALA B 97 -11.48 4.85 -7.80
CA ALA B 97 -12.26 4.60 -6.59
C ALA B 97 -11.39 4.13 -5.44
N ALA B 98 -11.86 4.36 -4.22
CA ALA B 98 -11.15 3.92 -3.02
C ALA B 98 -12.10 3.65 -1.84
N PRO B 99 -11.70 2.79 -0.90
CA PRO B 99 -12.18 2.69 0.48
C PRO B 99 -11.91 3.96 1.27
N TYR B 100 -12.76 4.25 2.26
CA TYR B 100 -12.51 5.36 3.17
C TYR B 100 -12.67 4.97 4.64
N CYS B 101 -11.66 5.30 5.43
CA CYS B 101 -11.67 5.15 6.88
C CYS B 101 -10.60 6.06 7.47
N SER B 102 -10.39 6.02 8.78
CA SER B 102 -9.38 6.90 9.36
C SER B 102 -8.02 6.20 9.49
N SER B 103 -7.65 5.81 10.71
CA SER B 103 -6.33 5.25 10.95
C SER B 103 -6.21 3.74 10.69
N ILE B 104 -7.33 3.04 10.54
CA ILE B 104 -7.30 1.58 10.48
C ILE B 104 -7.82 0.95 9.19
N SER B 105 -8.16 1.75 8.18
CA SER B 105 -8.65 1.21 6.90
C SER B 105 -9.76 0.17 7.09
N CYS B 106 -10.69 0.46 8.00
CA CYS B 106 -11.73 -0.48 8.41
C CYS B 106 -12.72 -0.92 7.33
N ASN B 107 -12.95 -0.07 6.33
CA ASN B 107 -13.94 -0.38 5.32
C ASN B 107 -13.36 -1.15 4.15
N ASP B 108 -13.95 -2.32 3.88
CA ASP B 108 -13.47 -3.20 2.81
C ASP B 108 -14.08 -2.85 1.45
N GLY B 109 -15.11 -2.03 1.44
CA GLY B 109 -15.78 -1.66 0.19
C GLY B 109 -15.16 -0.40 -0.40
N PHE B 110 -15.77 0.11 -1.46
CA PHE B 110 -15.31 1.35 -2.08
C PHE B 110 -16.27 2.47 -1.78
N ASP B 111 -15.89 3.31 -0.82
CA ASP B 111 -16.80 4.30 -0.28
C ASP B 111 -16.85 5.57 -1.11
N ILE B 112 -15.77 5.84 -1.83
CA ILE B 112 -15.67 7.08 -2.57
C ILE B 112 -15.22 6.87 -4.00
N TRP B 113 -15.95 7.48 -4.92
CA TRP B 113 -15.65 7.44 -6.35
C TRP B 113 -15.41 8.86 -6.86
N GLY B 114 -14.53 8.99 -7.85
CA GLY B 114 -14.30 10.31 -8.45
C GLY B 114 -15.44 10.65 -9.40
N GLN B 115 -15.47 11.89 -9.88
CA GLN B 115 -16.54 12.33 -10.77
C GLN B 115 -16.44 11.68 -12.16
N GLY B 116 -15.25 11.16 -12.46
CA GLY B 116 -14.99 10.48 -13.72
C GLY B 116 -14.33 11.41 -14.74
N THR B 117 -13.57 10.82 -15.65
CA THR B 117 -12.91 11.57 -16.71
C THR B 117 -13.31 11.07 -18.07
N MET B 118 -13.81 11.94 -18.91
CA MET B 118 -14.17 11.51 -20.25
C MET B 118 -12.97 11.51 -21.16
N VAL B 119 -12.75 10.40 -21.84
CA VAL B 119 -11.68 10.31 -22.83
C VAL B 119 -12.25 9.94 -24.17
N THR B 120 -11.97 10.76 -25.17
CA THR B 120 -12.46 10.49 -26.52
C THR B 120 -11.30 10.29 -27.46
N VAL B 121 -11.39 9.24 -28.27
CA VAL B 121 -10.31 8.97 -29.21
C VAL B 121 -10.82 9.05 -30.66
N SER B 122 -10.18 9.92 -31.43
CA SER B 122 -10.59 10.18 -32.82
C SER B 122 -9.62 11.14 -33.50
N THR C 318 43.83 -7.44 25.21
CA THR C 318 43.61 -6.11 24.66
C THR C 318 43.33 -6.17 23.18
N ASN C 319 42.57 -7.18 22.76
CA ASN C 319 42.23 -7.34 21.37
C ASN C 319 41.34 -6.21 20.89
N LEU C 320 41.58 -5.75 19.67
CA LEU C 320 40.76 -4.73 19.06
C LEU C 320 39.35 -5.24 18.79
N CYS C 321 38.34 -4.43 19.08
CA CYS C 321 36.98 -4.83 18.80
C CYS C 321 36.78 -5.01 17.30
N PRO C 322 36.10 -6.08 16.87
CA PRO C 322 35.95 -6.50 15.49
C PRO C 322 34.94 -5.66 14.72
N PHE C 323 35.22 -4.37 14.59
CA PHE C 323 34.33 -3.48 13.86
C PHE C 323 34.31 -3.81 12.37
N GLY C 324 35.39 -4.44 11.90
CA GLY C 324 35.47 -4.83 10.50
C GLY C 324 34.41 -5.88 10.15
N GLU C 325 33.91 -6.60 11.14
CA GLU C 325 32.88 -7.61 10.91
C GLU C 325 31.52 -6.97 10.64
N VAL C 326 31.41 -5.67 10.89
CA VAL C 326 30.20 -4.93 10.64
C VAL C 326 30.37 -3.98 9.47
N PHE C 327 31.33 -3.08 9.59
CA PHE C 327 31.51 -2.03 8.60
C PHE C 327 32.12 -2.54 7.29
N ASN C 328 32.90 -3.60 7.37
CA ASN C 328 33.56 -4.16 6.20
C ASN C 328 32.82 -5.41 5.71
N ALA C 329 31.62 -5.63 6.23
CA ALA C 329 30.83 -6.82 5.91
C ALA C 329 30.48 -6.87 4.44
N THR C 330 30.42 -8.08 3.90
CA THR C 330 30.07 -8.27 2.50
C THR C 330 28.55 -8.37 2.28
N ARG C 331 27.81 -8.50 3.38
CA ARG C 331 26.36 -8.60 3.31
C ARG C 331 25.69 -7.82 4.43
N PHE C 332 24.62 -7.11 4.08
CA PHE C 332 23.84 -6.35 5.05
C PHE C 332 22.38 -6.79 5.10
N ALA C 333 21.80 -6.65 6.28
CA ALA C 333 20.41 -7.00 6.52
C ALA C 333 19.43 -6.03 5.91
N SER C 334 18.26 -6.56 5.59
CA SER C 334 17.10 -5.74 5.25
C SER C 334 16.66 -4.93 6.45
N VAL C 335 16.14 -3.73 6.20
CA VAL C 335 15.71 -2.86 7.30
C VAL C 335 14.61 -3.44 8.16
N TYR C 336 13.81 -4.36 7.63
CA TYR C 336 12.77 -4.97 8.47
C TYR C 336 13.34 -5.88 9.58
N ALA C 337 14.58 -6.34 9.40
CA ALA C 337 15.18 -7.31 10.32
C ALA C 337 16.65 -7.02 10.58
N TRP C 338 16.97 -5.97 11.33
CA TRP C 338 18.35 -5.56 11.49
C TRP C 338 19.18 -6.69 12.09
N ASN C 339 20.41 -6.84 11.58
CA ASN C 339 21.31 -7.88 12.07
C ASN C 339 22.16 -7.35 13.21
N ARG C 340 21.80 -7.74 14.42
CA ARG C 340 22.50 -7.27 15.61
C ARG C 340 23.73 -8.11 15.90
N LYS C 341 24.83 -7.46 16.22
CA LYS C 341 26.00 -8.17 16.73
C LYS C 341 26.42 -7.57 18.06
N ARG C 342 26.77 -8.42 19.01
CA ARG C 342 27.24 -7.94 20.30
C ARG C 342 28.73 -7.63 20.24
N ILE C 343 29.11 -6.53 20.89
CA ILE C 343 30.52 -6.19 21.08
C ILE C 343 30.85 -6.20 22.57
N SER C 344 31.82 -7.03 22.95
CA SER C 344 32.19 -7.19 24.34
C SER C 344 33.62 -7.68 24.51
N ASN C 345 34.18 -7.50 25.71
CA ASN C 345 35.49 -8.05 26.04
C ASN C 345 36.57 -7.63 25.05
N CYS C 346 36.61 -6.34 24.71
CA CYS C 346 37.56 -5.88 23.70
C CYS C 346 37.87 -4.39 23.82
N VAL C 347 38.88 -3.97 23.06
CA VAL C 347 39.25 -2.56 23.04
C VAL C 347 38.65 -1.88 21.82
N ALA C 348 37.74 -0.95 22.05
CA ALA C 348 37.08 -0.24 20.98
C ALA C 348 37.95 0.89 20.46
N ASP C 349 37.79 1.21 19.19
CA ASP C 349 38.38 2.41 18.63
C ASP C 349 37.36 3.15 17.80
N TYR C 350 36.85 4.25 18.31
CA TYR C 350 35.85 4.99 17.56
C TYR C 350 36.50 6.16 16.84
N SER C 351 37.77 6.41 17.14
CA SER C 351 38.45 7.55 16.54
C SER C 351 38.82 7.23 15.10
N VAL C 352 39.03 5.94 14.84
CA VAL C 352 39.33 5.52 13.48
C VAL C 352 38.12 5.69 12.58
N LEU C 353 36.93 5.50 13.13
CA LEU C 353 35.72 5.70 12.35
C LEU C 353 35.48 7.19 12.13
N TYR C 354 35.64 7.95 13.22
CA TYR C 354 35.37 9.37 13.20
C TYR C 354 36.27 10.12 12.23
N ASN C 355 37.54 9.75 12.19
CA ASN C 355 38.50 10.45 11.35
C ASN C 355 38.71 9.82 9.98
N SER C 356 37.92 8.80 9.64
CA SER C 356 38.08 8.19 8.32
C SER C 356 37.58 9.12 7.24
N ALA C 357 36.64 10.00 7.63
CA ALA C 357 35.96 10.91 6.72
C ALA C 357 35.29 10.19 5.55
N SER C 358 35.07 8.88 5.71
CA SER C 358 34.43 8.10 4.68
C SER C 358 32.92 8.11 4.80
N PHE C 359 32.44 8.55 5.96
CA PHE C 359 31.02 8.48 6.27
C PHE C 359 30.29 9.73 5.86
N SER C 360 29.09 9.55 5.30
CA SER C 360 28.28 10.70 4.92
C SER C 360 27.69 11.39 6.14
N THR C 361 27.48 10.62 7.20
CA THR C 361 26.98 11.17 8.44
C THR C 361 27.63 10.47 9.63
N PHE C 362 27.99 11.26 10.64
CA PHE C 362 28.47 10.72 11.90
C PHE C 362 27.91 11.56 13.03
N LYS C 363 26.77 11.15 13.58
CA LYS C 363 26.08 11.96 14.57
C LYS C 363 25.79 11.15 15.82
N CYS C 364 25.73 11.82 16.95
CA CYS C 364 25.46 11.12 18.21
C CYS C 364 24.38 11.81 19.01
N TYR C 365 23.63 11.01 19.77
CA TYR C 365 22.64 11.52 20.70
C TYR C 365 23.16 11.31 22.12
N GLY C 366 24.23 10.52 22.20
CA GLY C 366 24.90 10.20 23.45
C GLY C 366 26.12 11.08 23.64
N VAL C 367 27.11 10.55 24.32
CA VAL C 367 28.34 11.26 24.61
C VAL C 367 29.09 11.56 23.32
N SER C 368 29.60 12.79 23.18
CA SER C 368 30.27 13.21 21.97
C SER C 368 31.39 12.22 21.64
N PRO C 369 31.60 11.90 20.36
CA PRO C 369 32.49 10.85 19.87
C PRO C 369 33.94 11.04 20.27
N THR C 370 34.31 12.29 20.55
CA THR C 370 35.70 12.58 20.92
C THR C 370 35.94 12.27 22.39
N LYS C 371 34.87 12.13 23.17
CA LYS C 371 34.97 11.75 24.57
C LYS C 371 34.49 10.32 24.76
N LEU C 372 33.69 9.85 23.81
CA LEU C 372 33.10 8.52 23.86
C LEU C 372 34.17 7.45 23.91
N ASN C 373 35.28 7.70 23.23
CA ASN C 373 36.35 6.72 23.15
C ASN C 373 36.99 6.43 24.51
N ASP C 374 36.89 7.38 25.44
CA ASP C 374 37.47 7.21 26.76
C ASP C 374 36.47 6.68 27.78
N LEU C 375 35.23 6.45 27.36
CA LEU C 375 34.19 6.01 28.28
C LEU C 375 33.89 4.52 28.11
N CYS C 376 34.07 3.78 29.20
CA CYS C 376 33.87 2.33 29.19
C CYS C 376 32.41 1.94 29.34
N PHE C 377 32.02 0.86 28.68
CA PHE C 377 30.67 0.30 28.77
C PHE C 377 30.65 -1.20 29.04
N THR C 378 29.56 -1.68 29.63
CA THR C 378 29.43 -3.11 29.88
C THR C 378 29.02 -3.85 28.62
N ASN C 379 28.24 -3.18 27.77
CA ASN C 379 27.79 -3.79 26.53
C ASN C 379 27.64 -2.76 25.42
N VAL C 380 28.10 -3.13 24.23
CA VAL C 380 27.90 -2.32 23.05
C VAL C 380 27.28 -3.17 21.96
N TYR C 381 26.25 -2.65 21.30
CA TYR C 381 25.62 -3.42 20.23
C TYR C 381 25.74 -2.70 18.90
N ALA C 382 26.02 -3.45 17.85
CA ALA C 382 26.07 -2.87 16.52
C ALA C 382 24.95 -3.46 15.67
N ASP C 383 24.04 -2.59 15.25
CA ASP C 383 22.93 -3.03 14.41
C ASP C 383 23.11 -2.55 12.98
N SER C 384 23.32 -3.48 12.04
CA SER C 384 23.58 -3.09 10.66
C SER C 384 22.40 -3.36 9.73
N PHE C 385 22.13 -2.39 8.84
CA PHE C 385 21.03 -2.50 7.88
C PHE C 385 21.18 -1.52 6.70
N VAL C 386 20.36 -1.69 5.65
CA VAL C 386 20.35 -0.76 4.51
C VAL C 386 19.01 -0.03 4.29
N ILE C 387 19.08 1.30 4.17
CA ILE C 387 17.94 2.19 3.90
C ILE C 387 18.22 3.24 2.84
N ARG C 388 17.16 3.93 2.39
CA ARG C 388 17.33 5.08 1.49
C ARG C 388 17.99 6.22 2.24
N GLY C 389 18.79 7.03 1.56
CA GLY C 389 19.47 8.13 2.23
C GLY C 389 18.52 9.11 2.92
N ASP C 390 17.35 9.36 2.32
CA ASP C 390 16.39 10.25 2.96
C ASP C 390 15.85 9.69 4.27
N GLU C 391 15.80 8.37 4.38
CA GLU C 391 15.25 7.69 5.55
C GLU C 391 16.17 7.82 6.76
N VAL C 392 17.42 8.19 6.52
CA VAL C 392 18.39 8.30 7.62
C VAL C 392 17.93 9.31 8.66
N ARG C 393 17.20 10.33 8.23
CA ARG C 393 16.72 11.37 9.15
C ARG C 393 15.75 10.80 10.18
N GLN C 394 15.13 9.66 9.87
CA GLN C 394 14.19 9.02 10.78
C GLN C 394 14.87 8.33 11.95
N ILE C 395 16.19 8.09 11.85
CA ILE C 395 16.82 7.36 12.93
C ILE C 395 17.33 8.32 14.00
N ALA C 396 16.43 8.63 14.90
CA ALA C 396 16.69 9.48 16.06
C ALA C 396 15.58 9.24 17.09
N PRO C 397 15.83 9.48 18.37
CA PRO C 397 14.84 9.49 19.42
C PRO C 397 13.76 10.51 19.10
N GLY C 398 12.51 10.15 19.39
CA GLY C 398 11.38 11.05 19.22
C GLY C 398 10.84 11.12 17.78
N GLN C 399 11.44 10.37 16.85
CA GLN C 399 11.01 10.44 15.46
C GLN C 399 9.90 9.47 15.11
N THR C 400 9.14 9.84 14.08
CA THR C 400 8.08 9.01 13.54
C THR C 400 8.26 8.85 12.04
N GLY C 401 7.57 7.87 11.45
CA GLY C 401 7.68 7.59 10.02
C GLY C 401 7.67 6.10 9.77
N LYS C 402 7.69 5.70 8.50
CA LYS C 402 7.59 4.28 8.19
C LYS C 402 8.74 3.47 8.76
N ILE C 403 9.93 4.04 8.79
CA ILE C 403 11.04 3.28 9.32
C ILE C 403 11.06 3.39 10.83
N ALA C 404 10.91 4.62 11.32
CA ALA C 404 10.95 4.88 12.76
C ALA C 404 9.87 4.13 13.53
N ASP C 405 8.69 3.98 12.95
CA ASP C 405 7.62 3.32 13.69
C ASP C 405 7.43 1.85 13.40
N TYR C 406 7.70 1.40 12.17
CA TYR C 406 7.38 0.00 11.84
C TYR C 406 8.59 -0.90 11.65
N ASN C 407 9.79 -0.34 11.51
CA ASN C 407 10.96 -1.18 11.30
C ASN C 407 11.92 -1.16 12.50
N TYR C 408 12.15 0.03 13.05
CA TYR C 408 13.03 0.14 14.20
C TYR C 408 12.76 1.43 14.97
N LYS C 409 12.91 1.39 16.29
CA LYS C 409 12.71 2.59 17.10
C LYS C 409 13.78 2.74 18.19
N LEU C 410 14.24 3.98 18.36
CA LEU C 410 15.14 4.32 19.46
C LEU C 410 14.33 4.91 20.61
N PRO C 411 14.69 4.61 21.88
CA PRO C 411 14.10 5.16 23.08
C PRO C 411 14.47 6.62 23.27
N ASP C 412 13.63 7.35 23.99
CA ASP C 412 13.89 8.77 24.28
C ASP C 412 15.13 8.96 25.16
N ASP C 413 15.53 7.90 25.85
CA ASP C 413 16.70 7.90 26.74
C ASP C 413 17.92 7.31 26.06
N PHE C 414 17.85 7.12 24.74
CA PHE C 414 18.92 6.46 24.01
C PHE C 414 20.26 7.16 24.13
N THR C 415 21.29 6.36 24.35
CA THR C 415 22.67 6.82 24.34
C THR C 415 23.43 6.07 23.25
N GLY C 416 24.05 6.80 22.34
CA GLY C 416 24.79 6.17 21.26
C GLY C 416 24.90 7.02 20.01
N CYS C 417 25.36 6.39 18.93
CA CYS C 417 25.62 7.09 17.68
C CYS C 417 25.07 6.40 16.45
N VAL C 418 24.80 7.19 15.42
CA VAL C 418 24.34 6.71 14.13
C VAL C 418 25.31 7.08 13.02
N ILE C 419 25.80 6.08 12.31
CA ILE C 419 26.79 6.30 11.26
C ILE C 419 26.27 5.82 9.90
N ALA C 420 26.32 6.70 8.89
CA ALA C 420 25.82 6.33 7.55
C ALA C 420 26.92 6.40 6.49
N TRP C 421 26.85 5.45 5.54
CA TRP C 421 27.82 5.34 4.45
C TRP C 421 27.10 5.11 3.13
N ASN C 422 27.56 5.77 2.06
CA ASN C 422 26.89 5.65 0.76
C ASN C 422 27.33 4.39 0.01
N SER C 423 26.39 3.46 -0.16
CA SER C 423 26.72 2.16 -0.72
C SER C 423 26.32 1.99 -2.17
N ASN C 424 25.93 3.07 -2.84
CA ASN C 424 25.40 2.95 -4.19
C ASN C 424 26.39 2.24 -5.11
N ASN C 425 27.69 2.41 -4.86
CA ASN C 425 28.71 1.77 -5.66
C ASN C 425 28.75 0.26 -5.48
N LEU C 426 28.25 -0.24 -4.34
CA LEU C 426 28.31 -1.67 -4.05
C LEU C 426 26.95 -2.35 -4.12
N ASP C 427 25.92 -1.70 -3.58
CA ASP C 427 24.60 -2.30 -3.50
C ASP C 427 23.75 -2.09 -4.75
N SER C 428 24.13 -1.18 -5.64
CA SER C 428 23.34 -1.00 -6.84
C SER C 428 23.56 -2.15 -7.82
N LYS C 429 22.53 -2.46 -8.59
CA LYS C 429 22.62 -3.45 -9.66
C LYS C 429 22.01 -2.87 -10.93
N VAL C 430 22.47 -3.32 -12.08
CA VAL C 430 22.00 -2.76 -13.35
C VAL C 430 20.49 -2.89 -13.54
N GLY C 431 19.93 -4.03 -13.13
CA GLY C 431 18.48 -4.25 -13.23
C GLY C 431 17.75 -3.72 -12.00
N GLY C 432 18.50 -3.17 -11.06
CA GLY C 432 18.00 -2.71 -9.77
C GLY C 432 18.21 -3.78 -8.71
N ASN C 433 18.28 -3.37 -7.45
CA ASN C 433 18.50 -4.31 -6.35
C ASN C 433 17.24 -4.46 -5.51
N TYR C 434 16.59 -5.61 -5.63
CA TYR C 434 15.31 -5.85 -4.98
C TYR C 434 15.45 -6.82 -3.83
N ASN C 435 16.68 -7.05 -3.38
CA ASN C 435 16.93 -8.02 -2.33
C ASN C 435 16.86 -7.40 -0.93
N TYR C 436 16.58 -6.10 -0.87
CA TYR C 436 16.39 -5.45 0.42
C TYR C 436 14.91 -5.14 0.64
N LEU C 437 14.37 -5.59 1.77
CA LEU C 437 12.96 -5.39 2.07
C LEU C 437 12.74 -4.44 3.25
N TYR C 438 11.62 -3.73 3.26
CA TYR C 438 11.25 -2.94 4.43
C TYR C 438 9.80 -3.20 4.81
N ARG C 439 9.48 -3.05 6.09
CA ARG C 439 8.11 -3.27 6.50
C ARG C 439 7.26 -2.07 6.14
N LEU C 440 6.15 -2.33 5.45
CA LEU C 440 5.25 -1.28 5.02
C LEU C 440 4.03 -1.18 5.91
N PHE C 441 3.56 -2.33 6.40
CA PHE C 441 2.36 -2.35 7.23
C PHE C 441 2.62 -2.94 8.61
N ARG C 442 1.94 -2.38 9.61
CA ARG C 442 1.91 -2.96 10.95
C ARG C 442 0.67 -2.48 11.69
N LYS C 443 0.13 -3.32 12.57
CA LYS C 443 -1.06 -2.95 13.35
C LYS C 443 -0.81 -1.82 14.35
N SER C 444 0.41 -1.72 14.86
CA SER C 444 0.75 -0.71 15.86
C SER C 444 2.23 -0.36 15.83
N ASN C 445 2.58 0.75 16.46
CA ASN C 445 3.97 1.21 16.52
C ASN C 445 4.84 0.27 17.34
N LEU C 446 6.10 0.12 16.93
CA LEU C 446 7.08 -0.70 17.65
C LEU C 446 7.50 -0.11 18.98
N LYS C 447 7.78 -0.99 19.92
CA LYS C 447 8.43 -0.62 21.16
C LYS C 447 9.91 -0.40 20.85
N PRO C 448 10.64 0.43 21.61
CA PRO C 448 12.04 0.66 21.41
C PRO C 448 12.81 -0.66 21.37
N PHE C 449 13.71 -0.77 20.40
CA PHE C 449 14.51 -1.96 20.14
C PHE C 449 13.70 -3.23 19.86
N GLU C 450 12.41 -3.09 19.53
CA GLU C 450 11.62 -4.26 19.15
C GLU C 450 11.98 -4.70 17.74
N ARG C 451 12.07 -6.01 17.54
CA ARG C 451 12.38 -6.59 16.24
C ARG C 451 11.33 -7.63 15.88
N ASP C 452 10.80 -7.54 14.67
CA ASP C 452 9.75 -8.44 14.24
C ASP C 452 10.03 -8.98 12.84
N ILE C 453 10.28 -10.28 12.77
CA ILE C 453 10.64 -10.91 11.52
C ILE C 453 9.51 -11.74 10.93
N SER C 454 8.32 -11.64 11.51
CA SER C 454 7.20 -12.41 11.00
C SER C 454 6.80 -11.92 9.62
N THR C 455 6.26 -12.84 8.82
CA THR C 455 5.83 -12.55 7.46
C THR C 455 4.34 -12.74 7.28
N GLU C 456 3.61 -12.81 8.39
CA GLU C 456 2.17 -13.05 8.34
C GLU C 456 1.45 -11.93 7.60
N ILE C 457 0.43 -12.31 6.84
CA ILE C 457 -0.30 -11.36 6.01
C ILE C 457 -1.05 -10.32 6.83
N TYR C 458 -0.89 -9.06 6.46
CA TYR C 458 -1.50 -7.96 7.18
C TYR C 458 -2.95 -7.74 6.78
N GLN C 459 -3.84 -7.74 7.76
CA GLN C 459 -5.25 -7.47 7.51
C GLN C 459 -5.51 -5.98 7.52
N ALA C 460 -6.20 -5.48 6.51
CA ALA C 460 -6.48 -4.05 6.41
C ALA C 460 -7.97 -3.79 6.23
N GLY C 461 -8.77 -4.34 7.12
CA GLY C 461 -10.21 -4.13 7.06
C GLY C 461 -10.94 -4.94 8.12
N SER C 462 -12.25 -4.71 8.24
CA SER C 462 -13.08 -5.43 9.20
C SER C 462 -13.22 -6.91 8.87
N THR C 463 -13.17 -7.24 7.58
CA THR C 463 -13.28 -8.65 7.18
C THR C 463 -12.03 -9.42 7.60
N PRO C 464 -12.16 -10.55 8.31
CA PRO C 464 -11.04 -11.37 8.71
C PRO C 464 -10.24 -11.82 7.50
N CYS C 465 -8.93 -11.73 7.60
CA CYS C 465 -8.07 -12.21 6.52
C CYS C 465 -7.92 -13.72 6.62
N ASN C 466 -8.01 -14.41 5.50
CA ASN C 466 -7.89 -15.87 5.48
C ASN C 466 -6.45 -16.33 5.32
N GLY C 467 -5.53 -15.38 5.36
CA GLY C 467 -4.10 -15.66 5.23
C GLY C 467 -3.65 -15.68 3.77
N VAL C 468 -4.57 -15.45 2.85
CA VAL C 468 -4.24 -15.44 1.43
C VAL C 468 -4.10 -14.02 0.93
N GLU C 469 -2.94 -13.70 0.40
CA GLU C 469 -2.68 -12.35 -0.09
C GLU C 469 -3.57 -12.02 -1.27
N GLY C 470 -4.10 -10.80 -1.30
CA GLY C 470 -4.91 -10.37 -2.45
C GLY C 470 -5.56 -9.00 -2.27
N PHE C 471 -6.51 -8.89 -1.35
CA PHE C 471 -7.17 -7.61 -1.10
C PHE C 471 -7.37 -7.37 0.38
N ASN C 472 -6.80 -6.27 0.88
CA ASN C 472 -6.81 -5.95 2.30
C ASN C 472 -6.20 -7.10 3.08
N CYS C 473 -5.29 -7.78 2.38
CA CYS C 473 -4.50 -8.90 2.82
C CYS C 473 -3.16 -8.75 2.14
N TYR C 474 -2.25 -8.01 2.74
CA TYR C 474 -1.03 -7.64 2.04
C TYR C 474 0.19 -8.28 2.68
N PHE C 475 1.18 -8.65 1.87
CA PHE C 475 2.43 -9.07 2.46
C PHE C 475 3.00 -7.83 3.13
N PRO C 476 3.39 -7.89 4.41
CA PRO C 476 3.79 -6.76 5.23
C PRO C 476 5.07 -6.11 4.76
N LEU C 477 5.87 -6.85 4.01
CA LEU C 477 7.17 -6.36 3.56
C LEU C 477 7.12 -5.87 2.12
N GLN C 478 7.94 -4.87 1.81
CA GLN C 478 8.01 -4.30 0.48
C GLN C 478 9.46 -4.11 0.03
N SER C 479 9.73 -4.48 -1.22
CA SER C 479 11.08 -4.33 -1.75
C SER C 479 11.44 -2.88 -2.06
N TYR C 480 12.73 -2.57 -1.90
CA TYR C 480 13.27 -1.30 -2.32
C TYR C 480 13.47 -1.25 -3.83
N GLY C 481 13.36 -0.05 -4.38
CA GLY C 481 13.54 0.21 -5.80
C GLY C 481 14.96 0.67 -6.13
N PHE C 482 15.94 0.25 -5.32
CA PHE C 482 17.31 0.77 -5.47
C PHE C 482 17.83 0.54 -6.88
N GLN C 483 18.34 1.62 -7.49
CA GLN C 483 18.93 1.60 -8.82
C GLN C 483 20.13 2.55 -8.85
N PRO C 484 21.15 2.29 -9.66
CA PRO C 484 22.38 3.06 -9.78
C PRO C 484 22.14 4.49 -10.26
N THR C 485 21.02 4.71 -10.93
CA THR C 485 20.68 6.02 -11.48
C THR C 485 19.80 6.86 -10.55
N ASN C 486 19.47 6.32 -9.38
CA ASN C 486 18.61 7.02 -8.44
C ASN C 486 19.25 8.30 -7.91
N GLY C 487 18.41 9.29 -7.61
CA GLY C 487 18.89 10.52 -7.00
C GLY C 487 19.42 10.18 -5.62
N VAL C 488 20.23 11.06 -5.05
CA VAL C 488 20.95 10.73 -3.83
C VAL C 488 20.03 10.32 -2.68
N GLY C 489 18.88 10.97 -2.55
CA GLY C 489 17.95 10.63 -1.48
C GLY C 489 17.39 9.22 -1.62
N TYR C 490 17.43 8.68 -2.84
CA TYR C 490 16.89 7.36 -3.12
C TYR C 490 17.98 6.31 -3.29
N GLN C 491 19.24 6.71 -3.08
CA GLN C 491 20.35 5.75 -3.13
C GLN C 491 20.39 5.00 -1.82
N PRO C 492 20.83 3.73 -1.82
CA PRO C 492 21.02 2.94 -0.63
C PRO C 492 22.19 3.45 0.21
N TYR C 493 22.00 3.42 1.51
CA TYR C 493 23.06 3.72 2.46
C TYR C 493 23.21 2.60 3.45
N ARG C 494 24.46 2.25 3.76
CA ARG C 494 24.70 1.30 4.81
C ARG C 494 24.77 2.06 6.11
N VAL C 495 23.97 1.64 7.07
CA VAL C 495 23.89 2.37 8.31
C VAL C 495 24.15 1.46 9.50
N VAL C 496 24.98 1.95 10.41
CA VAL C 496 25.27 1.22 11.62
C VAL C 496 24.88 2.05 12.82
N VAL C 497 24.08 1.46 13.69
CA VAL C 497 23.70 2.13 14.92
C VAL C 497 24.40 1.49 16.09
N LEU C 498 25.14 2.30 16.84
CA LEU C 498 25.86 1.79 17.99
C LEU C 498 25.12 2.14 19.27
N SER C 499 24.62 1.10 19.93
CA SER C 499 23.88 1.29 21.17
C SER C 499 24.79 0.99 22.35
N PHE C 500 24.73 1.84 23.36
CA PHE C 500 25.57 1.65 24.53
C PHE C 500 24.75 1.52 25.80
N GLU C 501 25.19 0.66 26.70
CA GLU C 501 24.52 0.58 28.00
C GLU C 501 25.46 0.27 29.15
N LEU C 502 25.05 0.72 30.33
CA LEU C 502 25.74 0.39 31.57
C LEU C 502 24.87 -0.47 32.46
N LEU C 503 25.24 -1.74 32.59
CA LEU C 503 24.54 -2.68 33.45
C LEU C 503 25.27 -2.78 34.78
N HIS C 504 24.65 -3.39 35.77
CA HIS C 504 25.31 -3.53 37.07
C HIS C 504 26.38 -4.63 37.01
N ALA C 505 27.47 -4.31 36.31
CA ALA C 505 28.58 -5.21 36.05
C ALA C 505 29.83 -4.38 35.75
N PRO C 506 31.04 -4.94 35.90
CA PRO C 506 32.28 -4.37 35.40
C PRO C 506 32.20 -4.15 33.90
N ALA C 507 32.74 -3.03 33.45
CA ALA C 507 32.78 -2.72 32.02
C ALA C 507 33.70 -3.67 31.29
N THR C 508 33.36 -4.02 30.05
CA THR C 508 34.25 -4.89 29.29
C THR C 508 34.72 -4.24 28.00
N VAL C 509 34.13 -3.10 27.63
CA VAL C 509 34.54 -2.42 26.42
C VAL C 509 35.06 -1.03 26.71
N CYS C 510 36.29 -0.78 26.31
CA CYS C 510 36.95 0.51 26.55
C CYS C 510 37.77 0.93 25.34
N GLY C 511 38.18 2.18 25.29
CA GLY C 511 39.01 2.66 24.19
C GLY C 511 40.14 3.55 24.69
#